data_2PR8
#
_entry.id   2PR8
#
_cell.length_a   71.620
_cell.length_b   85.370
_cell.length_c   150.410
_cell.angle_alpha   90.000
_cell.angle_beta   90.000
_cell.angle_gamma   90.000
#
_symmetry.space_group_name_H-M   'C 2 2 21'
#
loop_
_entity.id
_entity.type
_entity.pdbx_description
1 polymer 'Aminoglycoside 6-N-acetyltransferase type Ib11'
2 non-polymer '4-(2-HYDROXYETHYL)-1-PIPERAZINE ETHANESULFONIC ACID'
3 water water
#
_entity_poly.entity_id   1
_entity_poly.type   'polypeptide(L)'
_entity_poly.pdbx_seq_one_letter_code
;MKNTIHINSNDSVTLRLMTEHDLAMLYEWLNRSHIVEWWGGEEARPTLADVQEQYLPSVLAQESVTPYIAMLNGEPIGYA
QSYVALGSGDGWWEEETDPGVRGIDLSLANASQLGKGLGTKLVRALVELLFNDPEVTKIQTDPSPSNLRAIRCYEKAGFE
RQGTVTTPDGPAVYMVQTRQAFERTRSDEGRAQFEA
;
_entity_poly.pdbx_strand_id   A,B
#
# COMPACT_ATOMS: atom_id res chain seq x y z
N ASP A 11 23.47 -9.34 -19.18
CA ASP A 11 22.02 -9.61 -18.95
C ASP A 11 21.65 -9.89 -17.48
N SER A 12 21.64 -8.83 -16.68
CA SER A 12 21.19 -8.93 -15.28
C SER A 12 19.91 -8.14 -15.08
N VAL A 13 18.79 -8.84 -14.93
CA VAL A 13 17.55 -8.16 -14.59
C VAL A 13 17.17 -8.29 -13.12
N THR A 14 16.73 -7.16 -12.58
CA THR A 14 16.69 -6.88 -11.17
C THR A 14 15.54 -5.89 -11.00
N LEU A 15 14.99 -5.82 -9.78
CA LEU A 15 13.92 -4.88 -9.47
C LEU A 15 14.20 -4.12 -8.18
N ARG A 16 13.66 -2.91 -8.11
CA ARG A 16 13.71 -2.14 -6.90
C ARG A 16 12.36 -1.47 -6.72
N LEU A 17 12.13 -1.00 -5.50
CA LEU A 17 11.00 -0.16 -5.23
C LEU A 17 11.10 1.10 -6.05
N MET A 18 9.96 1.49 -6.64
CA MET A 18 9.87 2.76 -7.30
C MET A 18 9.72 3.82 -6.21
N THR A 19 10.35 4.96 -6.42
CA THR A 19 10.24 6.07 -5.46
C THR A 19 9.77 7.29 -6.20
N GLU A 20 9.50 8.37 -5.47
CA GLU A 20 8.92 9.54 -6.13
C GLU A 20 9.83 10.17 -7.17
N HIS A 21 11.13 10.09 -6.96
CA HIS A 21 12.03 10.57 -7.99
C HIS A 21 11.80 9.88 -9.35
N ASP A 22 11.26 8.67 -9.34
CA ASP A 22 11.00 7.93 -10.56
C ASP A 22 9.78 8.42 -11.32
N LEU A 23 8.98 9.25 -10.69
CA LEU A 23 7.73 9.67 -11.31
C LEU A 23 7.95 10.50 -12.58
N ALA A 24 8.94 11.40 -12.58
CA ALA A 24 9.32 12.09 -13.81
C ALA A 24 9.66 11.10 -14.95
N MET A 25 10.49 10.09 -14.64
CA MET A 25 10.88 9.07 -15.60
C MET A 25 9.67 8.27 -16.10
N LEU A 26 8.79 7.85 -15.19
CA LEU A 26 7.58 7.16 -15.60
C LEU A 26 6.75 8.02 -16.54
N TYR A 27 6.62 9.30 -16.21
CA TYR A 27 5.90 10.25 -17.05
C TYR A 27 6.47 10.31 -18.49
N GLU A 28 7.79 10.38 -18.57
CA GLU A 28 8.50 10.29 -19.83
C GLU A 28 8.19 8.98 -20.57
N TRP A 29 8.23 7.84 -19.87
CA TRP A 29 8.00 6.55 -20.51
C TRP A 29 6.56 6.40 -21.00
N LEU A 30 5.60 6.84 -20.19
CA LEU A 30 4.20 6.81 -20.64
C LEU A 30 4.00 7.64 -21.94
N ASN A 31 4.75 8.74 -22.09
CA ASN A 31 4.89 9.48 -23.38
C ASN A 31 5.94 8.87 -24.32
N ARG A 32 5.95 7.56 -24.41
CA ARG A 32 6.73 6.82 -25.39
C ARG A 32 5.84 5.67 -25.77
N SER A 33 5.09 5.25 -24.77
CA SER A 33 4.29 4.05 -24.84
C SER A 33 2.90 4.46 -25.28
N HIS A 34 2.72 5.78 -25.49
CA HIS A 34 1.41 6.27 -25.87
C HIS A 34 1.00 5.88 -27.30
N ILE A 35 0.00 5.02 -27.36
CA ILE A 35 -0.56 4.51 -28.63
C ILE A 35 -2.05 4.78 -28.57
N VAL A 36 -2.55 5.48 -29.56
CA VAL A 36 -3.99 5.62 -29.76
C VAL A 36 -4.40 4.62 -30.86
N GLU A 37 -5.18 3.62 -30.47
CA GLU A 37 -5.63 2.60 -31.39
C GLU A 37 -6.80 3.14 -32.15
N TRP A 38 -7.10 2.53 -33.31
CA TRP A 38 -8.17 3.00 -34.16
C TRP A 38 -9.53 3.09 -33.44
N TRP A 39 -9.71 2.25 -32.43
CA TRP A 39 -10.96 2.19 -31.66
C TRP A 39 -11.01 3.26 -30.54
N GLY A 40 -9.84 3.80 -30.20
CA GLY A 40 -9.73 5.09 -29.53
C GLY A 40 -10.25 5.22 -28.13
N GLY A 41 -9.81 4.31 -27.26
CA GLY A 41 -9.91 4.55 -25.81
C GLY A 41 -8.92 5.66 -25.52
N GLU A 42 -8.06 5.46 -24.52
CA GLU A 42 -6.99 6.41 -24.23
C GLU A 42 -7.37 7.90 -24.33
N GLU A 43 -7.23 8.46 -25.54
CA GLU A 43 -7.42 9.90 -25.88
C GLU A 43 -6.38 10.88 -25.27
N ALA A 44 -6.49 11.09 -23.95
CA ALA A 44 -5.70 12.07 -23.19
C ALA A 44 -4.21 12.19 -23.55
N ARG A 45 -3.38 11.34 -22.92
CA ARG A 45 -1.89 11.42 -22.89
C ARG A 45 -1.42 12.12 -21.61
N PRO A 46 -0.70 11.40 -20.75
CA PRO A 46 -0.57 11.85 -19.38
C PRO A 46 0.38 13.03 -19.16
N THR A 47 0.01 13.85 -18.20
CA THR A 47 0.68 15.05 -17.80
C THR A 47 1.52 14.62 -16.59
N LEU A 48 2.52 15.41 -16.17
CA LEU A 48 3.30 15.04 -14.97
C LEU A 48 2.37 14.91 -13.76
N ALA A 49 1.53 15.92 -13.57
CA ALA A 49 0.49 15.91 -12.51
C ALA A 49 -0.45 14.69 -12.57
N ASP A 50 -0.77 14.21 -13.78
CA ASP A 50 -1.61 13.03 -13.93
C ASP A 50 -0.87 11.82 -13.38
N VAL A 51 0.40 11.69 -13.76
CA VAL A 51 1.25 10.61 -13.30
C VAL A 51 1.43 10.65 -11.77
N GLN A 52 1.80 11.82 -11.25
CA GLN A 52 1.95 11.98 -9.81
C GLN A 52 0.69 11.53 -9.08
N GLU A 53 -0.47 11.87 -9.63
CA GLU A 53 -1.77 11.63 -9.01
C GLU A 53 -2.14 10.15 -9.04
N GLN A 54 -1.72 9.46 -10.09
CA GLN A 54 -2.08 8.07 -10.23
C GLN A 54 -1.06 7.14 -9.60
N TYR A 55 0.21 7.50 -9.71
CA TYR A 55 1.29 6.62 -9.29
C TYR A 55 2.03 7.00 -8.03
N LEU A 56 1.61 8.08 -7.40
CA LEU A 56 2.21 8.43 -6.10
C LEU A 56 2.24 7.18 -5.22
N PRO A 57 3.42 6.79 -4.71
CA PRO A 57 3.44 5.62 -3.83
C PRO A 57 2.38 5.60 -2.70
N SER A 58 2.20 6.71 -2.00
CA SER A 58 1.13 6.84 -0.99
C SER A 58 -0.28 6.56 -1.52
N VAL A 59 -0.56 6.96 -2.76
CA VAL A 59 -1.87 6.67 -3.33
C VAL A 59 -2.04 5.18 -3.62
N LEU A 60 -0.97 4.55 -4.11
CA LEU A 60 -0.97 3.11 -4.41
C LEU A 60 -1.10 2.29 -3.13
N ALA A 61 -0.50 2.80 -2.04
CA ALA A 61 -0.59 2.17 -0.74
C ALA A 61 -2.05 2.02 -0.26
N GLN A 62 -2.89 2.99 -0.56
CA GLN A 62 -4.31 2.96 -0.20
C GLN A 62 -5.04 1.79 -0.84
N GLU A 63 -4.52 1.36 -2.00
CA GLU A 63 -5.10 0.27 -2.78
C GLU A 63 -4.33 -1.03 -2.66
N SER A 64 -3.33 -1.06 -1.76
CA SER A 64 -2.49 -2.21 -1.51
C SER A 64 -1.72 -2.58 -2.81
N VAL A 65 -1.24 -1.56 -3.49
CA VAL A 65 -0.39 -1.73 -4.65
C VAL A 65 1.00 -1.24 -4.32
N THR A 66 1.99 -2.04 -4.70
CA THR A 66 3.39 -1.68 -4.52
C THR A 66 4.03 -1.51 -5.91
N PRO A 67 4.68 -0.34 -6.15
CA PRO A 67 5.32 -0.02 -7.43
C PRO A 67 6.79 -0.37 -7.44
N TYR A 68 7.26 -0.87 -8.59
CA TYR A 68 8.64 -1.28 -8.79
C TYR A 68 9.21 -0.70 -10.09
N ILE A 69 10.53 -0.59 -10.13
CA ILE A 69 11.27 -0.24 -11.37
C ILE A 69 12.09 -1.46 -11.74
N ALA A 70 11.87 -1.97 -12.94
CA ALA A 70 12.64 -3.07 -13.45
C ALA A 70 13.88 -2.46 -14.11
N MET A 71 15.02 -3.12 -13.91
CA MET A 71 16.31 -2.61 -14.34
C MET A 71 17.06 -3.66 -15.11
N LEU A 72 17.71 -3.23 -16.21
CA LEU A 72 18.64 -4.07 -16.95
C LEU A 72 20.04 -3.46 -16.78
N ASN A 73 20.88 -4.23 -16.11
CA ASN A 73 22.26 -3.85 -15.85
C ASN A 73 22.32 -2.53 -15.11
N GLY A 74 21.46 -2.39 -14.09
CA GLY A 74 21.37 -1.12 -13.33
C GLY A 74 20.63 -0.01 -14.03
N GLU A 75 20.23 -0.22 -15.29
CA GLU A 75 19.43 0.80 -15.99
C GLU A 75 17.92 0.58 -15.90
N PRO A 76 17.19 1.54 -15.35
CA PRO A 76 15.74 1.35 -15.30
C PRO A 76 15.15 1.28 -16.70
N ILE A 77 14.40 0.20 -16.97
CA ILE A 77 13.80 0.04 -18.30
C ILE A 77 12.26 -0.03 -18.32
N GLY A 78 11.66 -0.28 -17.16
CA GLY A 78 10.21 -0.33 -17.11
C GLY A 78 9.64 -0.25 -15.69
N TYR A 79 8.30 -0.28 -15.64
CA TYR A 79 7.55 -0.15 -14.41
C TYR A 79 6.77 -1.44 -14.23
N ALA A 80 6.74 -1.92 -12.99
CA ALA A 80 5.89 -3.06 -12.64
C ALA A 80 5.18 -2.75 -11.31
N GLN A 81 4.08 -3.46 -11.05
CA GLN A 81 3.31 -3.35 -9.79
C GLN A 81 2.91 -4.75 -9.33
N SER A 82 2.91 -4.97 -8.01
CA SER A 82 2.25 -6.15 -7.43
C SER A 82 1.08 -5.60 -6.63
N TYR A 83 0.06 -6.41 -6.37
CA TYR A 83 -1.09 -5.95 -5.60
C TYR A 83 -1.58 -7.14 -4.80
N VAL A 84 -2.24 -6.88 -3.67
CA VAL A 84 -2.98 -7.90 -2.94
C VAL A 84 -4.27 -8.17 -3.73
N ALA A 85 -4.49 -9.39 -4.22
CA ALA A 85 -5.71 -9.67 -5.01
C ALA A 85 -6.99 -9.42 -4.19
N LEU A 86 -6.97 -10.00 -3.00
CA LEU A 86 -8.16 -10.00 -2.13
C LEU A 86 -8.46 -8.57 -1.72
N GLY A 87 -9.71 -8.18 -1.91
CA GLY A 87 -10.20 -6.82 -1.57
C GLY A 87 -9.86 -5.75 -2.59
N SER A 88 -9.47 -6.15 -3.80
CA SER A 88 -9.05 -5.17 -4.79
C SER A 88 -10.20 -4.22 -5.21
N GLY A 89 -11.41 -4.72 -5.29
CA GLY A 89 -12.52 -3.80 -5.66
C GLY A 89 -12.58 -3.35 -7.14
N ASP A 90 -13.55 -2.49 -7.45
CA ASP A 90 -13.95 -2.19 -8.84
C ASP A 90 -14.19 -3.50 -9.59
N GLY A 91 -14.73 -4.50 -8.90
CA GLY A 91 -15.00 -5.81 -9.47
C GLY A 91 -13.83 -6.78 -9.66
N TRP A 92 -12.62 -6.40 -9.25
CA TRP A 92 -11.43 -7.22 -9.44
C TRP A 92 -11.32 -8.32 -8.38
N TRP A 93 -11.04 -9.56 -8.82
CA TRP A 93 -10.65 -10.67 -7.92
C TRP A 93 -11.68 -10.90 -6.77
N GLU A 94 -12.95 -10.78 -7.12
CA GLU A 94 -14.03 -10.88 -6.17
C GLU A 94 -14.20 -12.24 -5.59
N GLU A 95 -13.71 -13.28 -6.25
CA GLU A 95 -13.78 -14.63 -5.69
C GLU A 95 -12.59 -15.04 -4.83
N GLU A 96 -11.62 -14.14 -4.67
CA GLU A 96 -10.43 -14.46 -3.88
C GLU A 96 -10.78 -14.64 -2.38
N THR A 97 -10.07 -15.54 -1.69
CA THR A 97 -10.30 -15.72 -0.25
C THR A 97 -9.04 -15.59 0.58
N ASP A 98 -7.88 -15.70 -0.07
CA ASP A 98 -6.62 -15.80 0.65
C ASP A 98 -5.89 -14.48 0.57
N PRO A 99 -5.58 -13.88 1.75
CA PRO A 99 -4.85 -12.62 1.87
C PRO A 99 -3.42 -12.69 1.31
N GLY A 100 -2.82 -13.89 1.26
CA GLY A 100 -1.44 -14.06 0.80
C GLY A 100 -1.28 -14.09 -0.73
N VAL A 101 -2.36 -13.99 -1.50
CA VAL A 101 -2.23 -14.00 -2.97
C VAL A 101 -1.81 -12.59 -3.43
N ARG A 102 -0.69 -12.54 -4.14
CA ARG A 102 -0.25 -11.31 -4.84
C ARG A 102 -0.38 -11.48 -6.33
N GLY A 103 -0.95 -10.47 -6.97
CA GLY A 103 -0.98 -10.42 -8.42
C GLY A 103 0.16 -9.52 -8.89
N ILE A 104 0.61 -9.76 -10.13
CA ILE A 104 1.61 -8.93 -10.77
C ILE A 104 1.09 -8.30 -12.06
N ASP A 105 1.52 -7.06 -12.30
CA ASP A 105 1.12 -6.33 -13.48
C ASP A 105 2.39 -5.89 -14.19
N LEU A 106 2.69 -6.55 -15.29
CA LEU A 106 3.90 -6.25 -16.06
C LEU A 106 3.54 -5.39 -17.27
N SER A 107 2.32 -4.87 -17.34
CA SER A 107 1.90 -4.13 -18.52
C SER A 107 2.87 -2.99 -18.92
N LEU A 108 3.55 -2.38 -17.94
CA LEU A 108 4.49 -1.29 -18.21
C LEU A 108 5.95 -1.68 -18.07
N ALA A 109 6.21 -2.98 -18.09
CA ALA A 109 7.55 -3.49 -17.81
C ALA A 109 8.58 -3.22 -18.94
N ASN A 110 8.11 -2.73 -20.09
CA ASN A 110 9.07 -2.22 -21.09
C ASN A 110 8.70 -0.82 -21.47
N ALA A 111 8.28 -0.01 -20.50
CA ALA A 111 7.66 1.27 -20.90
C ALA A 111 8.72 2.20 -21.50
N SER A 112 9.99 1.90 -21.27
CA SER A 112 11.09 2.71 -21.83
C SER A 112 11.27 2.47 -23.34
N GLN A 113 10.57 1.46 -23.86
CA GLN A 113 10.64 1.03 -25.26
C GLN A 113 12.04 0.62 -25.70
N LEU A 114 12.68 -0.21 -24.89
CA LEU A 114 13.81 -1.03 -25.32
C LEU A 114 13.40 -1.89 -26.52
N GLY A 115 14.36 -2.16 -27.40
CA GLY A 115 14.11 -2.98 -28.60
C GLY A 115 13.93 -4.47 -28.35
N LYS A 116 14.07 -4.88 -27.08
CA LYS A 116 13.88 -6.27 -26.69
C LYS A 116 13.26 -6.30 -25.29
N GLY A 117 12.28 -7.16 -25.05
CA GLY A 117 11.71 -7.31 -23.70
C GLY A 117 12.57 -8.18 -22.78
N LEU A 118 12.56 -7.87 -21.49
CA LEU A 118 13.14 -8.80 -20.54
C LEU A 118 12.02 -9.84 -20.39
N GLY A 119 12.25 -11.08 -20.75
CA GLY A 119 11.10 -11.96 -20.82
C GLY A 119 10.94 -12.61 -19.46
N THR A 120 11.22 -13.90 -19.43
CA THR A 120 10.96 -14.70 -18.24
C THR A 120 11.94 -14.33 -17.15
N LYS A 121 13.09 -13.73 -17.52
CA LYS A 121 14.04 -13.24 -16.53
C LYS A 121 13.38 -12.22 -15.60
N LEU A 122 12.62 -11.30 -16.21
CA LEU A 122 11.90 -10.30 -15.48
C LEU A 122 10.89 -10.96 -14.53
N VAL A 123 10.09 -11.90 -15.07
CA VAL A 123 9.04 -12.56 -14.28
C VAL A 123 9.63 -13.31 -13.07
N ARG A 124 10.76 -14.00 -13.27
CA ARG A 124 11.42 -14.74 -12.19
C ARG A 124 11.89 -13.84 -11.08
N ALA A 125 12.45 -12.69 -11.45
CA ALA A 125 12.98 -11.75 -10.48
C ALA A 125 11.83 -11.16 -9.68
N LEU A 126 10.68 -10.93 -10.31
CA LEU A 126 9.56 -10.39 -9.53
C LEU A 126 9.00 -11.47 -8.61
N VAL A 127 8.72 -12.65 -9.13
CA VAL A 127 8.32 -13.80 -8.30
C VAL A 127 9.24 -13.99 -7.06
N GLU A 128 10.55 -14.00 -7.29
CA GLU A 128 11.55 -14.24 -6.23
C GLU A 128 11.44 -13.18 -5.14
N LEU A 129 11.34 -11.93 -5.60
CA LEU A 129 11.19 -10.77 -4.74
C LEU A 129 9.92 -10.87 -3.88
N LEU A 130 8.79 -11.21 -4.50
CA LEU A 130 7.52 -11.32 -3.77
C LEU A 130 7.53 -12.47 -2.72
N PHE A 131 8.05 -13.64 -3.06
CA PHE A 131 8.11 -14.73 -2.10
C PHE A 131 9.04 -14.43 -0.92
N ASN A 132 9.78 -13.33 -1.00
CA ASN A 132 10.64 -12.90 0.10
C ASN A 132 9.83 -12.47 1.32
N ASP A 133 8.61 -11.98 1.06
CA ASP A 133 7.64 -11.61 2.10
C ASP A 133 6.93 -12.90 2.54
N PRO A 134 7.14 -13.33 3.82
CA PRO A 134 6.58 -14.60 4.27
C PRO A 134 5.04 -14.67 4.25
N GLU A 135 4.37 -13.54 4.13
CA GLU A 135 2.90 -13.52 4.08
C GLU A 135 2.39 -13.92 2.69
N VAL A 136 3.28 -13.99 1.71
CA VAL A 136 2.86 -14.27 0.34
C VAL A 136 2.77 -15.78 0.12
N THR A 137 1.59 -16.22 -0.31
CA THR A 137 1.29 -17.64 -0.51
C THR A 137 1.29 -18.10 -1.98
N LYS A 138 0.98 -17.18 -2.89
CA LYS A 138 0.76 -17.55 -4.29
C LYS A 138 0.79 -16.26 -5.13
N ILE A 139 1.33 -16.33 -6.34
CA ILE A 139 1.36 -15.16 -7.25
C ILE A 139 0.36 -15.48 -8.36
N GLN A 140 -0.43 -14.51 -8.80
CA GLN A 140 -1.31 -14.72 -9.92
C GLN A 140 -0.94 -13.70 -10.99
N THR A 141 -1.28 -14.01 -12.24
CA THR A 141 -1.21 -13.02 -13.30
C THR A 141 -2.35 -13.34 -14.28
N ASP A 142 -2.78 -12.34 -15.05
CA ASP A 142 -3.98 -12.48 -15.87
C ASP A 142 -3.75 -11.89 -17.28
N PRO A 143 -2.86 -12.53 -18.07
CA PRO A 143 -2.65 -12.07 -19.46
C PRO A 143 -3.86 -12.27 -20.36
N SER A 144 -3.94 -11.51 -21.45
CA SER A 144 -4.99 -11.70 -22.45
C SER A 144 -4.96 -13.11 -22.96
N PRO A 145 -6.14 -13.71 -23.18
CA PRO A 145 -6.14 -15.07 -23.77
C PRO A 145 -5.42 -15.16 -25.14
N SER A 146 -5.39 -14.07 -25.90
CA SER A 146 -4.70 -14.09 -27.21
C SER A 146 -3.19 -13.88 -27.10
N ASN A 147 -2.72 -13.53 -25.91
CA ASN A 147 -1.31 -13.24 -25.76
C ASN A 147 -0.50 -14.50 -25.42
N LEU A 148 -0.26 -15.27 -26.47
CA LEU A 148 0.28 -16.60 -26.31
C LEU A 148 1.72 -16.59 -25.88
N ARG A 149 2.46 -15.57 -26.35
CA ARG A 149 3.84 -15.37 -25.96
C ARG A 149 3.99 -15.01 -24.49
N ALA A 150 3.09 -14.16 -23.98
CA ALA A 150 3.24 -13.78 -22.56
C ALA A 150 2.91 -14.99 -21.70
N ILE A 151 1.88 -15.74 -22.10
CA ILE A 151 1.45 -16.95 -21.40
C ILE A 151 2.61 -17.92 -21.33
N ARG A 152 3.28 -18.14 -22.48
CA ARG A 152 4.47 -18.98 -22.50
C ARG A 152 5.57 -18.47 -21.60
N CYS A 153 5.83 -17.17 -21.59
CA CYS A 153 6.85 -16.62 -20.67
C CYS A 153 6.51 -16.88 -19.20
N TYR A 154 5.25 -16.67 -18.84
CA TYR A 154 4.82 -16.95 -17.47
C TYR A 154 5.01 -18.45 -17.13
N GLU A 155 4.63 -19.35 -18.05
CA GLU A 155 4.82 -20.80 -17.84
C GLU A 155 6.30 -21.16 -17.66
N LYS A 156 7.15 -20.61 -18.52
CA LYS A 156 8.60 -20.81 -18.36
C LYS A 156 9.11 -20.33 -16.99
N ALA A 157 8.43 -19.32 -16.43
CA ALA A 157 8.79 -18.76 -15.12
C ALA A 157 8.18 -19.54 -13.95
N GLY A 158 7.43 -20.59 -14.25
CA GLY A 158 6.83 -21.41 -13.18
C GLY A 158 5.34 -21.23 -12.94
N PHE A 159 4.70 -20.40 -13.76
CA PHE A 159 3.26 -20.24 -13.69
C PHE A 159 2.50 -21.36 -14.39
N GLU A 160 1.33 -21.64 -13.87
CA GLU A 160 0.50 -22.70 -14.38
C GLU A 160 -0.83 -22.07 -14.70
N ARG A 161 -1.29 -22.35 -15.92
CA ARG A 161 -2.59 -21.96 -16.39
C ARG A 161 -3.69 -22.67 -15.59
N GLN A 162 -4.66 -21.90 -15.10
CA GLN A 162 -5.80 -22.45 -14.34
C GLN A 162 -7.13 -22.40 -15.12
N GLY A 163 -7.12 -21.70 -16.24
CA GLY A 163 -8.34 -21.50 -17.00
C GLY A 163 -8.56 -20.02 -17.24
N THR A 164 -9.72 -19.69 -17.75
CA THR A 164 -10.00 -18.35 -18.25
C THR A 164 -11.06 -17.80 -17.33
N VAL A 165 -10.86 -16.56 -16.90
CA VAL A 165 -11.76 -15.91 -15.99
C VAL A 165 -12.22 -14.59 -16.57
N THR A 166 -13.41 -14.17 -16.18
CA THR A 166 -14.00 -12.90 -16.58
C THR A 166 -13.56 -11.85 -15.54
N THR A 167 -12.87 -10.83 -16.03
CA THR A 167 -12.41 -9.73 -15.21
C THR A 167 -13.17 -8.45 -15.64
N PRO A 168 -13.01 -7.35 -14.90
CA PRO A 168 -13.63 -6.12 -15.44
C PRO A 168 -13.12 -5.68 -16.82
N ASP A 169 -11.91 -6.12 -17.19
CA ASP A 169 -11.27 -5.82 -18.47
C ASP A 169 -11.54 -6.93 -19.50
N GLY A 170 -12.42 -7.87 -19.17
CA GLY A 170 -12.75 -8.92 -20.13
C GLY A 170 -12.12 -10.26 -19.74
N PRO A 171 -12.25 -11.27 -20.59
CA PRO A 171 -11.62 -12.53 -20.28
C PRO A 171 -10.12 -12.38 -20.14
N ALA A 172 -9.55 -13.21 -19.29
CA ALA A 172 -8.10 -13.24 -19.04
C ALA A 172 -7.77 -14.66 -18.76
N VAL A 173 -6.54 -15.09 -19.04
CA VAL A 173 -6.08 -16.42 -18.70
C VAL A 173 -5.45 -16.30 -17.30
N TYR A 174 -6.00 -17.06 -16.38
CA TYR A 174 -5.67 -16.91 -14.97
C TYR A 174 -4.52 -17.88 -14.69
N MET A 175 -3.40 -17.36 -14.26
CA MET A 175 -2.20 -18.18 -14.05
C MET A 175 -1.68 -17.98 -12.64
N VAL A 176 -1.16 -19.05 -12.04
CA VAL A 176 -0.68 -18.97 -10.64
C VAL A 176 0.62 -19.75 -10.47
N GLN A 177 1.36 -19.32 -9.47
CA GLN A 177 2.50 -20.02 -8.94
C GLN A 177 2.41 -19.95 -7.40
N THR A 178 2.17 -21.10 -6.76
CA THR A 178 2.22 -21.23 -5.29
C THR A 178 3.65 -21.19 -4.76
N ARG A 179 3.79 -20.86 -3.48
CA ARG A 179 5.10 -20.90 -2.82
C ARG A 179 5.72 -22.30 -2.93
N GLN A 180 4.89 -23.31 -2.75
CA GLN A 180 5.29 -24.71 -2.84
C GLN A 180 5.85 -24.97 -4.22
N ALA A 181 5.05 -24.78 -5.27
CA ALA A 181 5.58 -24.91 -6.62
C ALA A 181 6.90 -24.15 -6.76
N PHE A 182 6.92 -22.87 -6.38
CA PHE A 182 8.16 -22.08 -6.46
C PHE A 182 9.31 -22.71 -5.65
N GLU A 183 8.89 -23.31 -4.53
CA GLU A 183 9.64 -24.27 -3.70
C GLU A 183 9.91 -23.68 -2.33
N ASP B 11 -9.09 24.29 14.85
CA ASP B 11 -10.30 24.80 14.15
C ASP B 11 -10.73 23.99 12.92
N SER B 12 -9.85 23.86 11.92
CA SER B 12 -10.10 23.03 10.73
C SER B 12 -9.01 21.97 10.49
N VAL B 13 -9.28 20.74 10.94
CA VAL B 13 -8.32 19.64 10.77
C VAL B 13 -8.59 18.73 9.58
N THR B 14 -7.52 18.59 8.80
CA THR B 14 -7.51 17.90 7.55
C THR B 14 -6.28 16.97 7.57
N LEU B 15 -6.27 16.03 6.63
CA LEU B 15 -5.17 15.13 6.41
C LEU B 15 -4.93 15.03 4.93
N ARG B 16 -3.67 14.88 4.59
CA ARG B 16 -3.25 14.65 3.21
C ARG B 16 -2.29 13.47 3.24
N LEU B 17 -2.10 12.87 2.08
CA LEU B 17 -1.20 11.77 1.91
C LEU B 17 0.18 12.28 2.17
N MET B 18 0.97 11.50 2.88
CA MET B 18 2.35 11.90 3.11
C MET B 18 3.20 11.58 1.89
N THR B 19 4.19 12.42 1.61
CA THR B 19 5.04 12.19 0.41
C THR B 19 6.48 12.19 0.86
N GLU B 20 7.40 11.89 -0.03
CA GLU B 20 8.80 11.81 0.38
C GLU B 20 9.36 13.11 0.93
N HIS B 21 8.88 14.22 0.38
CA HIS B 21 9.26 15.55 0.82
C HIS B 21 9.06 15.70 2.33
N ASP B 22 8.04 15.04 2.87
CA ASP B 22 7.71 15.16 4.30
C ASP B 22 8.63 14.39 5.24
N LEU B 23 9.48 13.53 4.70
CA LEU B 23 10.27 12.65 5.53
C LEU B 23 11.24 13.37 6.46
N ALA B 24 11.83 14.48 5.98
CA ALA B 24 12.71 15.32 6.81
C ALA B 24 11.96 15.87 8.00
N MET B 25 10.79 16.42 7.72
CA MET B 25 9.90 16.98 8.75
C MET B 25 9.51 15.90 9.77
N LEU B 26 9.19 14.70 9.27
CA LEU B 26 8.84 13.61 10.14
C LEU B 26 10.06 13.25 10.98
N TYR B 27 11.20 13.17 10.32
CA TYR B 27 12.43 12.91 11.05
C TYR B 27 12.59 13.92 12.20
N GLU B 28 12.31 15.18 11.92
CA GLU B 28 12.54 16.22 12.93
C GLU B 28 11.57 16.04 14.07
N TRP B 29 10.29 15.80 13.76
CA TRP B 29 9.23 15.56 14.75
C TRP B 29 9.61 14.40 15.67
N LEU B 30 10.17 13.34 15.09
CA LEU B 30 10.60 12.16 15.84
C LEU B 30 11.77 12.42 16.80
N ASN B 31 12.84 13.07 16.33
CA ASN B 31 13.85 13.59 17.27
C ASN B 31 13.31 14.76 18.09
N ARG B 32 11.98 14.92 18.12
CA ARG B 32 11.34 16.00 18.88
C ARG B 32 10.40 15.43 19.95
N SER B 33 9.55 14.48 19.59
CA SER B 33 8.70 13.82 20.57
C SER B 33 9.37 12.53 21.12
N HIS B 34 10.71 12.53 21.10
CA HIS B 34 11.52 11.37 21.47
C HIS B 34 11.61 11.14 22.98
N ILE B 35 10.82 10.20 23.48
CA ILE B 35 10.90 9.83 24.90
C ILE B 35 11.53 8.44 25.11
N VAL B 36 12.61 8.38 25.91
CA VAL B 36 13.19 7.12 26.35
C VAL B 36 12.63 6.79 27.74
N GLU B 37 12.09 5.60 27.90
CA GLU B 37 11.43 5.22 29.15
C GLU B 37 12.41 4.43 30.00
N TRP B 38 12.21 4.46 31.31
CA TRP B 38 13.13 3.79 32.23
C TRP B 38 13.38 2.32 31.82
N TRP B 39 12.37 1.67 31.24
CA TRP B 39 12.52 0.27 30.78
C TRP B 39 13.26 0.16 29.44
N GLY B 40 13.90 1.26 29.03
CA GLY B 40 15.08 1.22 28.18
C GLY B 40 14.88 1.31 26.69
N GLY B 41 13.83 0.67 26.18
CA GLY B 41 13.65 0.48 24.73
C GLY B 41 13.80 1.72 23.87
N GLU B 42 13.16 1.74 22.71
CA GLU B 42 13.26 2.84 21.73
C GLU B 42 14.72 3.18 21.34
N GLU B 43 15.55 3.37 22.37
CA GLU B 43 17.02 3.21 22.35
C GLU B 43 17.81 4.01 21.32
N ALA B 44 18.22 3.32 20.26
CA ALA B 44 19.10 3.80 19.18
C ALA B 44 19.08 5.29 18.86
N ARG B 45 17.88 5.89 18.84
CA ARG B 45 17.65 7.28 18.41
C ARG B 45 17.75 7.39 16.89
N PRO B 46 16.68 7.91 16.25
CA PRO B 46 16.53 7.78 14.81
C PRO B 46 17.34 8.78 14.00
N THR B 47 18.08 8.28 13.01
CA THR B 47 18.75 9.14 12.02
C THR B 47 17.75 9.55 10.94
N LEU B 48 18.13 10.52 10.12
CA LEU B 48 17.35 10.85 8.92
C LEU B 48 17.18 9.58 8.10
N ALA B 49 18.28 8.82 7.98
CA ALA B 49 18.34 7.57 7.22
C ALA B 49 17.43 6.49 7.77
N ASP B 50 17.43 6.30 9.09
CA ASP B 50 16.52 5.37 9.72
C ASP B 50 15.10 5.74 9.30
N VAL B 51 14.77 7.02 9.45
CA VAL B 51 13.42 7.48 9.26
C VAL B 51 13.05 7.36 7.80
N GLN B 52 13.89 7.87 6.92
CA GLN B 52 13.62 7.80 5.48
C GLN B 52 13.50 6.34 5.01
N GLU B 53 14.27 5.44 5.60
CA GLU B 53 14.16 4.00 5.30
C GLU B 53 12.86 3.37 5.78
N GLN B 54 12.50 3.63 7.04
CA GLN B 54 11.35 2.97 7.67
C GLN B 54 10.02 3.56 7.20
N TYR B 55 10.00 4.86 6.93
CA TYR B 55 8.74 5.52 6.58
C TYR B 55 8.57 5.87 5.11
N LEU B 56 9.54 5.51 4.28
CA LEU B 56 9.42 5.69 2.84
C LEU B 56 8.08 5.18 2.38
N PRO B 57 7.27 6.04 1.76
CA PRO B 57 5.96 5.54 1.36
C PRO B 57 5.94 4.23 0.54
N SER B 58 6.90 4.01 -0.37
CA SER B 58 6.92 2.75 -1.14
C SER B 58 7.15 1.55 -0.23
N VAL B 59 7.95 1.71 0.83
CA VAL B 59 8.16 0.63 1.80
C VAL B 59 6.85 0.36 2.55
N LEU B 60 6.17 1.43 2.99
CA LEU B 60 4.88 1.27 3.64
C LEU B 60 3.87 0.59 2.71
N ALA B 61 3.93 0.91 1.42
CA ALA B 61 3.03 0.26 0.45
C ALA B 61 3.15 -1.26 0.45
N GLN B 62 4.37 -1.78 0.57
CA GLN B 62 4.59 -3.22 0.66
C GLN B 62 3.91 -3.86 1.84
N GLU B 63 3.60 -3.05 2.87
CA GLU B 63 2.95 -3.54 4.07
C GLU B 63 1.49 -3.09 4.15
N SER B 64 0.99 -2.55 3.02
CA SER B 64 -0.41 -2.09 2.92
C SER B 64 -0.75 -1.01 3.97
N VAL B 65 0.22 -0.12 4.24
CA VAL B 65 0.11 0.98 5.16
C VAL B 65 0.18 2.29 4.34
N THR B 66 -0.81 3.16 4.58
CA THR B 66 -0.88 4.49 3.97
C THR B 66 -0.49 5.51 5.02
N PRO B 67 0.54 6.36 4.73
CA PRO B 67 0.96 7.42 5.63
C PRO B 67 0.28 8.77 5.29
N TYR B 68 -0.12 9.51 6.33
CA TYR B 68 -0.81 10.82 6.22
C TYR B 68 -0.09 11.86 7.08
N ILE B 69 -0.24 13.11 6.68
CA ILE B 69 0.21 14.22 7.47
C ILE B 69 -1.08 14.90 7.90
N ALA B 70 -1.29 15.01 9.20
CA ALA B 70 -2.44 15.72 9.75
C ALA B 70 -2.12 17.20 9.79
N MET B 71 -3.11 18.00 9.40
CA MET B 71 -2.95 19.44 9.30
C MET B 71 -4.04 20.17 10.10
N LEU B 72 -3.63 21.27 10.72
CA LEU B 72 -4.54 22.24 11.34
C LEU B 72 -4.46 23.57 10.63
N ASN B 73 -5.57 23.96 10.00
CA ASN B 73 -5.61 25.17 9.18
C ASN B 73 -4.46 25.23 8.18
N GLY B 74 -4.20 24.10 7.53
CA GLY B 74 -3.16 24.04 6.48
C GLY B 74 -1.72 23.90 6.95
N GLU B 75 -1.52 23.82 8.26
CA GLU B 75 -0.21 23.64 8.85
C GLU B 75 -0.11 22.19 9.31
N PRO B 76 1.02 21.52 9.01
CA PRO B 76 1.26 20.11 9.43
C PRO B 76 1.53 20.00 10.93
N ILE B 77 0.77 19.16 11.62
CA ILE B 77 0.99 19.06 13.06
C ILE B 77 1.39 17.66 13.49
N GLY B 78 1.14 16.68 12.63
CA GLY B 78 1.44 15.32 13.01
C GLY B 78 1.33 14.31 11.88
N TYR B 79 1.64 13.07 12.24
CA TYR B 79 1.66 11.97 11.29
C TYR B 79 0.64 10.94 11.72
N ALA B 80 -0.05 10.36 10.72
CA ALA B 80 -1.05 9.30 10.98
C ALA B 80 -0.86 8.21 9.93
N GLN B 81 -1.21 6.95 10.25
CA GLN B 81 -1.20 5.86 9.24
C GLN B 81 -2.52 5.17 9.31
N SER B 82 -2.95 4.63 8.18
CA SER B 82 -4.02 3.65 8.18
C SER B 82 -3.45 2.37 7.56
N TYR B 83 -4.14 1.25 7.76
CA TYR B 83 -3.59 -0.02 7.29
C TYR B 83 -4.76 -0.96 7.05
N VAL B 84 -4.55 -1.89 6.14
CA VAL B 84 -5.47 -2.98 5.94
C VAL B 84 -5.25 -3.98 7.05
N ALA B 85 -6.28 -4.29 7.84
CA ALA B 85 -6.04 -5.13 9.02
C ALA B 85 -5.77 -6.56 8.56
N LEU B 86 -6.61 -7.02 7.65
CA LEU B 86 -6.54 -8.43 7.19
C LEU B 86 -5.21 -8.67 6.50
N GLY B 87 -4.51 -9.72 6.91
CA GLY B 87 -3.26 -10.11 6.25
C GLY B 87 -2.01 -9.34 6.71
N SER B 88 -2.08 -8.63 7.81
CA SER B 88 -0.93 -7.81 8.26
C SER B 88 0.32 -8.60 8.64
N GLY B 89 0.14 -9.79 9.19
CA GLY B 89 1.38 -10.54 9.57
C GLY B 89 2.20 -9.97 10.75
N ASP B 90 3.39 -10.56 11.01
CA ASP B 90 4.11 -10.37 12.29
C ASP B 90 3.10 -10.65 13.45
N GLY B 91 2.09 -11.47 13.17
CA GLY B 91 1.05 -11.81 14.14
C GLY B 91 -0.09 -10.84 14.37
N TRP B 92 -0.16 -9.78 13.57
CA TRP B 92 -1.16 -8.74 13.76
C TRP B 92 -2.48 -9.08 13.11
N TRP B 93 -3.59 -8.92 13.84
CA TRP B 93 -4.96 -9.09 13.30
C TRP B 93 -5.21 -10.46 12.65
N GLU B 94 -4.67 -11.51 13.26
CA GLU B 94 -4.79 -12.87 12.69
C GLU B 94 -6.22 -13.42 12.60
N GLU B 95 -7.14 -12.83 13.34
CA GLU B 95 -8.52 -13.34 13.40
C GLU B 95 -9.39 -12.57 12.41
N GLU B 96 -8.83 -11.55 11.76
CA GLU B 96 -9.61 -10.76 10.84
C GLU B 96 -9.99 -11.65 9.63
N THR B 97 -11.17 -11.42 9.04
CA THR B 97 -11.56 -12.10 7.81
C THR B 97 -12.05 -11.14 6.71
N ASP B 98 -12.35 -9.88 7.09
CA ASP B 98 -12.90 -8.89 6.15
C ASP B 98 -11.83 -7.94 5.57
N PRO B 99 -11.59 -8.01 4.23
CA PRO B 99 -10.67 -7.05 3.58
C PRO B 99 -10.99 -5.59 3.65
N GLY B 100 -12.26 -5.25 3.91
CA GLY B 100 -12.73 -3.87 4.00
C GLY B 100 -12.38 -3.17 5.32
N VAL B 101 -11.81 -3.91 6.26
CA VAL B 101 -11.42 -3.33 7.56
C VAL B 101 -10.10 -2.59 7.42
N ARG B 102 -10.14 -1.34 7.83
CA ARG B 102 -8.95 -0.48 7.94
C ARG B 102 -8.70 -0.13 9.39
N GLY B 103 -7.45 -0.25 9.81
CA GLY B 103 -6.99 0.21 11.09
C GLY B 103 -6.38 1.61 11.00
N ILE B 104 -6.43 2.34 12.12
CA ILE B 104 -5.76 3.63 12.21
C ILE B 104 -4.76 3.67 13.32
N ASP B 105 -3.69 4.42 13.07
CA ASP B 105 -2.66 4.55 14.07
C ASP B 105 -2.37 6.04 14.23
N LEU B 106 -2.87 6.60 15.32
CA LEU B 106 -2.72 8.00 15.63
C LEU B 106 -1.56 8.31 16.60
N SER B 107 -0.67 7.35 16.87
CA SER B 107 0.36 7.55 17.88
C SER B 107 1.23 8.80 17.65
N LEU B 108 1.46 9.15 16.38
CA LEU B 108 2.31 10.29 16.04
C LEU B 108 1.52 11.50 15.56
N ALA B 109 0.22 11.51 15.82
CA ALA B 109 -0.65 12.56 15.28
C ALA B 109 -0.43 13.94 15.91
N ASN B 110 0.35 14.04 16.98
CA ASN B 110 0.69 15.37 17.51
C ASN B 110 2.18 15.49 17.61
N ALA B 111 2.91 14.80 16.73
CA ALA B 111 4.35 14.70 16.87
C ALA B 111 5.06 16.05 16.73
N SER B 112 4.40 17.05 16.13
CA SER B 112 4.99 18.38 16.07
C SER B 112 5.05 19.00 17.47
N GLN B 113 4.28 18.47 18.42
CA GLN B 113 4.22 18.98 19.80
C GLN B 113 4.15 20.49 19.81
N LEU B 114 3.34 21.07 18.92
CA LEU B 114 3.28 22.53 18.78
C LEU B 114 2.30 23.12 19.78
N GLY B 115 1.72 22.22 20.58
CA GLY B 115 0.80 22.62 21.63
C GLY B 115 -0.32 21.62 21.84
N LYS B 116 -1.55 22.12 21.79
CA LYS B 116 -2.73 21.34 22.10
C LYS B 116 -3.04 20.35 20.96
N GLY B 117 -3.39 19.12 21.33
CA GLY B 117 -3.68 18.06 20.37
C GLY B 117 -5.06 18.07 19.71
N LEU B 118 -5.08 17.71 18.44
CA LEU B 118 -6.34 17.50 17.75
C LEU B 118 -6.96 16.23 18.32
N GLY B 119 -8.06 16.34 19.05
CA GLY B 119 -8.71 15.16 19.60
C GLY B 119 -9.66 14.53 18.58
N THR B 120 -10.95 14.53 18.91
CA THR B 120 -11.99 13.94 18.08
C THR B 120 -12.02 14.49 16.68
N LYS B 121 -11.70 15.76 16.51
CA LYS B 121 -11.70 16.36 15.19
C LYS B 121 -10.80 15.56 14.24
N LEU B 122 -9.60 15.25 14.72
CA LEU B 122 -8.64 14.45 14.00
C LEU B 122 -9.19 13.07 13.69
N VAL B 123 -9.79 12.42 14.69
CA VAL B 123 -10.34 11.08 14.48
C VAL B 123 -11.39 11.11 13.36
N ARG B 124 -12.37 12.02 13.52
CA ARG B 124 -13.43 12.14 12.54
C ARG B 124 -12.95 12.39 11.13
N ALA B 125 -11.95 13.24 10.97
CA ALA B 125 -11.41 13.54 9.63
C ALA B 125 -10.73 12.30 8.99
N LEU B 126 -10.02 11.52 9.81
CA LEU B 126 -9.42 10.27 9.32
C LEU B 126 -10.48 9.23 8.94
N VAL B 127 -11.50 9.06 9.78
CA VAL B 127 -12.62 8.16 9.50
C VAL B 127 -13.35 8.59 8.20
N GLU B 128 -13.69 9.86 8.10
CA GLU B 128 -14.33 10.38 6.90
C GLU B 128 -13.50 10.06 5.65
N LEU B 129 -12.20 10.30 5.73
CA LEU B 129 -11.31 10.10 4.58
C LEU B 129 -11.32 8.62 4.17
N LEU B 130 -11.31 7.72 5.16
CA LEU B 130 -11.26 6.28 4.86
C LEU B 130 -12.57 5.79 4.26
N PHE B 131 -13.69 6.26 4.83
CA PHE B 131 -14.99 5.87 4.29
C PHE B 131 -15.29 6.42 2.88
N ASN B 132 -14.50 7.38 2.42
CA ASN B 132 -14.63 7.86 1.05
C ASN B 132 -14.26 6.81 0.02
N ASP B 133 -13.50 5.81 0.47
CA ASP B 133 -13.16 4.64 -0.30
C ASP B 133 -14.30 3.62 -0.11
N PRO B 134 -14.97 3.21 -1.23
CA PRO B 134 -16.15 2.37 -1.10
C PRO B 134 -15.79 0.98 -0.66
N GLU B 135 -14.52 0.59 -0.82
CA GLU B 135 -14.10 -0.73 -0.34
C GLU B 135 -14.00 -0.79 1.19
N VAL B 136 -14.02 0.34 1.89
CA VAL B 136 -13.80 0.31 3.38
C VAL B 136 -15.11 0.09 4.11
N THR B 137 -15.15 -0.99 4.89
CA THR B 137 -16.36 -1.44 5.55
C THR B 137 -16.44 -0.99 7.05
N LYS B 138 -15.27 -0.90 7.69
CA LYS B 138 -15.16 -0.71 9.15
C LYS B 138 -13.79 -0.17 9.50
N ILE B 139 -13.72 0.76 10.46
CA ILE B 139 -12.40 1.28 10.90
C ILE B 139 -12.18 0.66 12.25
N GLN B 140 -10.96 0.20 12.55
CA GLN B 140 -10.66 -0.31 13.86
C GLN B 140 -9.57 0.53 14.50
N THR B 141 -9.52 0.52 15.83
CA THR B 141 -8.35 1.14 16.54
C THR B 141 -8.04 0.33 17.82
N ASP B 142 -6.79 0.28 18.27
CA ASP B 142 -6.45 -0.58 19.40
C ASP B 142 -5.63 0.14 20.46
N PRO B 143 -6.24 1.13 21.17
CA PRO B 143 -5.51 1.81 22.22
C PRO B 143 -5.21 0.95 23.42
N SER B 144 -4.21 1.38 24.19
CA SER B 144 -3.85 0.66 25.44
C SER B 144 -5.05 0.63 26.38
N PRO B 145 -5.27 -0.50 27.05
CA PRO B 145 -6.42 -0.50 27.96
C PRO B 145 -6.34 0.59 29.08
N SER B 146 -5.14 0.99 29.48
CA SER B 146 -4.94 2.04 30.51
C SER B 146 -5.15 3.42 29.95
N ASN B 147 -5.24 3.53 28.62
CA ASN B 147 -5.36 4.86 28.04
C ASN B 147 -6.81 5.34 27.95
N LEU B 148 -7.34 5.77 29.09
CA LEU B 148 -8.79 5.94 29.23
C LEU B 148 -9.24 7.13 28.43
N ARG B 149 -8.39 8.15 28.36
CA ARG B 149 -8.67 9.35 27.59
C ARG B 149 -8.71 9.15 26.07
N ALA B 150 -7.79 8.36 25.54
CA ALA B 150 -7.78 8.07 24.09
C ALA B 150 -9.06 7.34 23.75
N ILE B 151 -9.41 6.38 24.60
CA ILE B 151 -10.58 5.54 24.44
C ILE B 151 -11.81 6.43 24.41
N ARG B 152 -11.86 7.40 25.35
CA ARG B 152 -12.98 8.33 25.40
C ARG B 152 -13.08 9.17 24.11
N CYS B 153 -11.97 9.76 23.64
CA CYS B 153 -11.94 10.46 22.34
C CYS B 153 -12.44 9.60 21.17
N TYR B 154 -12.00 8.35 21.11
CA TYR B 154 -12.50 7.44 20.07
C TYR B 154 -13.99 7.22 20.16
N GLU B 155 -14.49 7.07 21.40
CA GLU B 155 -15.93 6.97 21.64
C GLU B 155 -16.65 8.25 21.23
N LYS B 156 -16.10 9.43 21.59
CA LYS B 156 -16.75 10.67 21.18
C LYS B 156 -16.82 10.76 19.64
N ALA B 157 -15.83 10.19 18.99
CA ALA B 157 -15.69 10.22 17.54
C ALA B 157 -16.51 9.16 16.84
N GLY B 158 -17.22 8.31 17.61
CA GLY B 158 -18.12 7.29 17.00
C GLY B 158 -17.67 5.84 17.08
N PHE B 159 -16.55 5.57 17.72
CA PHE B 159 -16.09 4.19 17.86
C PHE B 159 -16.78 3.53 19.03
N GLU B 160 -16.86 2.22 18.99
CA GLU B 160 -17.47 1.47 20.02
C GLU B 160 -16.51 0.39 20.51
N ARG B 161 -16.36 0.30 21.84
CA ARG B 161 -15.53 -0.73 22.45
C ARG B 161 -16.08 -2.10 22.18
N GLN B 162 -15.25 -3.03 21.72
CA GLN B 162 -15.66 -4.42 21.48
C GLN B 162 -15.11 -5.37 22.53
N GLY B 163 -14.19 -4.88 23.35
CA GLY B 163 -13.51 -5.71 24.35
C GLY B 163 -12.00 -5.66 24.19
N THR B 164 -11.30 -6.53 24.91
CA THR B 164 -9.86 -6.49 24.94
C THR B 164 -9.32 -7.66 24.15
N VAL B 165 -8.35 -7.39 23.29
CA VAL B 165 -7.74 -8.45 22.47
C VAL B 165 -6.24 -8.50 22.73
N THR B 166 -5.63 -9.67 22.56
CA THR B 166 -4.18 -9.82 22.62
C THR B 166 -3.51 -9.51 21.27
N THR B 167 -2.58 -8.58 21.27
CA THR B 167 -1.86 -8.22 20.05
C THR B 167 -0.39 -8.59 20.25
N PRO B 168 0.42 -8.54 19.18
CA PRO B 168 1.85 -8.69 19.41
C PRO B 168 2.47 -7.75 20.46
N ASP B 169 1.83 -6.61 20.70
CA ASP B 169 2.33 -5.61 21.64
C ASP B 169 1.55 -5.68 22.97
N GLY B 170 0.86 -6.79 23.17
CA GLY B 170 0.08 -6.97 24.40
C GLY B 170 -1.41 -6.70 24.22
N PRO B 171 -2.15 -6.64 25.35
CA PRO B 171 -3.57 -6.39 25.30
C PRO B 171 -3.81 -4.99 24.77
N ALA B 172 -4.94 -4.81 24.09
CA ALA B 172 -5.36 -3.51 23.61
C ALA B 172 -6.87 -3.54 23.74
N VAL B 173 -7.49 -2.40 23.90
CA VAL B 173 -8.94 -2.29 23.80
C VAL B 173 -9.31 -2.13 22.32
N TYR B 174 -10.04 -3.12 21.83
CA TYR B 174 -10.42 -3.20 20.41
C TYR B 174 -11.67 -2.33 20.16
N MET B 175 -11.54 -1.33 19.32
CA MET B 175 -12.69 -0.44 19.12
C MET B 175 -13.02 -0.33 17.63
N VAL B 176 -14.30 -0.25 17.28
CA VAL B 176 -14.65 -0.14 15.85
C VAL B 176 -15.75 0.86 15.55
N GLN B 177 -15.77 1.30 14.29
CA GLN B 177 -16.88 2.05 13.77
C GLN B 177 -17.16 1.50 12.36
N THR B 178 -18.34 0.89 12.18
CA THR B 178 -18.79 0.34 10.92
C THR B 178 -19.25 1.48 10.03
N ARG B 179 -19.20 1.25 8.73
CA ARG B 179 -19.78 2.19 7.78
C ARG B 179 -21.24 2.54 8.15
N GLN B 180 -22.07 1.54 8.43
CA GLN B 180 -23.44 1.76 8.96
C GLN B 180 -23.49 2.83 10.08
N ALA B 181 -22.70 2.63 11.14
CA ALA B 181 -22.68 3.51 12.31
C ALA B 181 -22.25 4.92 11.97
N PHE B 182 -21.22 5.02 11.13
CA PHE B 182 -20.79 6.31 10.62
C PHE B 182 -21.86 6.86 9.69
N GLU B 183 -22.53 5.93 9.02
CA GLU B 183 -23.77 6.12 8.23
C GLU B 183 -23.54 5.80 6.75
#